data_1KB7
# 
_entry.id   1KB7 
# 
_audit_conform.dict_name       mmcif_pdbx.dic 
_audit_conform.dict_version    5.398 
_audit_conform.dict_location   http://mmcif.pdb.org/dictionaries/ascii/mmcif_pdbx.dic 
# 
loop_
_database_2.database_id 
_database_2.database_code 
_database_2.pdbx_database_accession 
_database_2.pdbx_DOI 
PDB   1KB7         pdb_00001kb7 10.2210/pdb1kb7/pdb 
WWPDB D_1000174397 ?            ?                   
# 
loop_
_pdbx_audit_revision_history.ordinal 
_pdbx_audit_revision_history.data_content_type 
_pdbx_audit_revision_history.major_revision 
_pdbx_audit_revision_history.minor_revision 
_pdbx_audit_revision_history.revision_date 
1 'Structure model' 1 0 1996-01-29 
2 'Structure model' 1 1 2008-03-24 
3 'Structure model' 1 2 2011-07-13 
4 'Structure model' 1 3 2017-11-29 
5 'Structure model' 1 4 2024-11-06 
# 
_pdbx_audit_revision_details.ordinal             1 
_pdbx_audit_revision_details.revision_ordinal    1 
_pdbx_audit_revision_details.data_content_type   'Structure model' 
_pdbx_audit_revision_details.provider            repository 
_pdbx_audit_revision_details.type                'Initial release' 
_pdbx_audit_revision_details.description         ? 
_pdbx_audit_revision_details.details             ? 
# 
loop_
_pdbx_audit_revision_group.ordinal 
_pdbx_audit_revision_group.revision_ordinal 
_pdbx_audit_revision_group.data_content_type 
_pdbx_audit_revision_group.group 
1 2 'Structure model' 'Version format compliance' 
2 3 'Structure model' 'Version format compliance' 
3 4 'Structure model' 'Derived calculations'      
4 4 'Structure model' Other                       
5 5 'Structure model' 'Data collection'           
6 5 'Structure model' 'Database references'       
7 5 'Structure model' 'Derived calculations'      
8 5 'Structure model' 'Structure summary'         
# 
loop_
_pdbx_audit_revision_category.ordinal 
_pdbx_audit_revision_category.revision_ordinal 
_pdbx_audit_revision_category.data_content_type 
_pdbx_audit_revision_category.category 
1  4 'Structure model' pdbx_database_status      
2  4 'Structure model' pdbx_struct_assembly      
3  4 'Structure model' pdbx_struct_oper_list     
4  4 'Structure model' struct_conf               
5  5 'Structure model' chem_comp_atom            
6  5 'Structure model' chem_comp_bond            
7  5 'Structure model' database_2                
8  5 'Structure model' pdbx_entry_details        
9  5 'Structure model' pdbx_modification_feature 
10 5 'Structure model' struct_conn               
# 
loop_
_pdbx_audit_revision_item.ordinal 
_pdbx_audit_revision_item.revision_ordinal 
_pdbx_audit_revision_item.data_content_type 
_pdbx_audit_revision_item.item 
1 4 'Structure model' '_pdbx_database_status.process_site'  
2 5 'Structure model' '_database_2.pdbx_DOI'                
3 5 'Structure model' '_database_2.pdbx_database_accession' 
4 5 'Structure model' '_struct_conn.pdbx_leaving_atom_flag' 
# 
_pdbx_database_status.status_code                     REL 
_pdbx_database_status.entry_id                        1KB7 
_pdbx_database_status.recvd_initial_deposition_date   1995-10-05 
_pdbx_database_status.deposit_site                    ? 
_pdbx_database_status.process_site                    BNL 
_pdbx_database_status.status_code_sf                  ? 
_pdbx_database_status.status_code_mr                  REL 
_pdbx_database_status.SG_entry                        ? 
_pdbx_database_status.pdb_format_compatible           Y 
_pdbx_database_status.status_code_cs                  ? 
_pdbx_database_status.methods_development_category    ? 
_pdbx_database_status.status_code_nmr_data            ? 
# 
_pdbx_database_related.db_name        PDB 
_pdbx_database_related.db_id          1KB8 
_pdbx_database_related.details        . 
_pdbx_database_related.content_type   ensemble 
# 
loop_
_audit_author.name 
_audit_author.pdbx_ordinal 
'Campbell, A.P.' 1 
'Mcinnes, C.'    2 
'Hodges, R.S.'   3 
'Sykes, B.D.'    4 
# 
loop_
_citation.id 
_citation.title 
_citation.journal_abbrev 
_citation.journal_volume 
_citation.page_first 
_citation.page_last 
_citation.year 
_citation.journal_id_ASTM 
_citation.country 
_citation.journal_id_ISSN 
_citation.journal_id_CSD 
_citation.book_publisher 
_citation.pdbx_database_id_PubMed 
_citation.pdbx_database_id_DOI 
primary 
;Comparison of NMR solution structures of the receptor binding domains of Pseudomonas aeruginosa pili strains PAO, KB7, and PAK: implications for receptor binding and synthetic vaccine design.
;
Biochemistry 34 16255 16268 1995 BICHAW US 0006-2960 0033 ? 8845350 10.1021/bi00050a005 
1       
;Conformational Differences between Cis and Trans Proline Isomers of a Peptide Antigen Representing the Receptor Binding Domain of Pseudomonas Aeruginosa as Studied by 1H NMR
;
Biopolymers  34 1221  ?     1994 BIPMAA US 0006-3525 0161 ? ?       ?                   
2       
'NMR Solution Structure and Flexibility of a Peptide Antigen Representing the Receptor Binding Domain of Pseudomonas Aeruginosa' 
Biochemistry 32 13432 ?     1993 BICHAW US 0006-2960 0033 ? ?       ?                   
# 
loop_
_citation_author.citation_id 
_citation_author.name 
_citation_author.ordinal 
_citation_author.identifier_ORCID 
primary 'Campbell, A.P.'    1  ? 
primary 'McInnes, C.'       2  ? 
primary 'Hodges, R.S.'      3  ? 
primary 'Sykes, B.D.'       4  ? 
1       'Mcinnes, C.'       5  ? 
1       'Kay, C.M.'         6  ? 
1       'Hodges, R.S.'      7  ? 
1       'Sykes, B.D.'       8  ? 
2       'Mcinnes, C.'       9  ? 
2       'Soennichsen, F.D.' 10 ? 
2       'Kay, C.M.'         11 ? 
2       'Hodges, R.S.'      12 ? 
2       'Sykes, B.D.'       13 ? 
# 
_entity.id                         1 
_entity.type                       polymer 
_entity.src_method                 man 
_entity.pdbx_description           'KB7 PILIN, TRANS' 
_entity.formula_weight             1814.006 
_entity.pdbx_number_of_molecules   1 
_entity.pdbx_ec                    ? 
_entity.pdbx_mutation              ? 
_entity.pdbx_fragment              ? 
_entity.details                    ? 
# 
_entity_name_com.entity_id   1 
_entity_name_com.name        'FIMBRIAL PROTEIN' 
# 
_entity_poly.entity_id                      1 
_entity_poly.type                           'polypeptide(L)' 
_entity_poly.nstd_linkage                   no 
_entity_poly.nstd_monomer                   yes 
_entity_poly.pdbx_seq_one_letter_code       '(ACE)SCATTVDAKFRPNGCTD' 
_entity_poly.pdbx_seq_one_letter_code_can   XSCATTVDAKFRPNGCTD 
_entity_poly.pdbx_strand_id                 A 
_entity_poly.pdbx_target_identifier         ? 
# 
loop_
_entity_poly_seq.entity_id 
_entity_poly_seq.num 
_entity_poly_seq.mon_id 
_entity_poly_seq.hetero 
1 1  ACE n 
1 2  SER n 
1 3  CYS n 
1 4  ALA n 
1 5  THR n 
1 6  THR n 
1 7  VAL n 
1 8  ASP n 
1 9  ALA n 
1 10 LYS n 
1 11 PHE n 
1 12 ARG n 
1 13 PRO n 
1 14 ASN n 
1 15 GLY n 
1 16 CYS n 
1 17 THR n 
1 18 ASP n 
# 
_entity_src_gen.entity_id                          1 
_entity_src_gen.pdbx_src_id                        1 
_entity_src_gen.pdbx_alt_source_flag               sample 
_entity_src_gen.pdbx_seq_type                      ? 
_entity_src_gen.pdbx_beg_seq_num                   ? 
_entity_src_gen.pdbx_end_seq_num                   ? 
_entity_src_gen.gene_src_common_name               ? 
_entity_src_gen.gene_src_genus                     Pseudomonas 
_entity_src_gen.pdbx_gene_src_gene                 ? 
_entity_src_gen.gene_src_species                   ? 
_entity_src_gen.gene_src_strain                    KB7 
_entity_src_gen.gene_src_tissue                    ? 
_entity_src_gen.gene_src_tissue_fraction           ? 
_entity_src_gen.gene_src_details                   ? 
_entity_src_gen.pdbx_gene_src_fragment             ? 
_entity_src_gen.pdbx_gene_src_scientific_name      'Pseudomonas aeruginosa' 
_entity_src_gen.pdbx_gene_src_ncbi_taxonomy_id     287 
_entity_src_gen.pdbx_gene_src_variant              ? 
_entity_src_gen.pdbx_gene_src_cell_line            ? 
_entity_src_gen.pdbx_gene_src_atcc                 ? 
_entity_src_gen.pdbx_gene_src_organ                ? 
_entity_src_gen.pdbx_gene_src_organelle            ? 
_entity_src_gen.pdbx_gene_src_cell                 ? 
_entity_src_gen.pdbx_gene_src_cellular_location    ? 
_entity_src_gen.host_org_common_name               ? 
_entity_src_gen.pdbx_host_org_scientific_name      ? 
_entity_src_gen.pdbx_host_org_ncbi_taxonomy_id     ? 
_entity_src_gen.host_org_genus                     ? 
_entity_src_gen.pdbx_host_org_gene                 ? 
_entity_src_gen.pdbx_host_org_organ                ? 
_entity_src_gen.host_org_species                   ? 
_entity_src_gen.pdbx_host_org_tissue               ? 
_entity_src_gen.pdbx_host_org_tissue_fraction      ? 
_entity_src_gen.pdbx_host_org_strain               ? 
_entity_src_gen.pdbx_host_org_variant              ? 
_entity_src_gen.pdbx_host_org_cell_line            ? 
_entity_src_gen.pdbx_host_org_atcc                 ? 
_entity_src_gen.pdbx_host_org_culture_collection   ? 
_entity_src_gen.pdbx_host_org_cell                 ? 
_entity_src_gen.pdbx_host_org_organelle            ? 
_entity_src_gen.pdbx_host_org_cellular_location    ? 
_entity_src_gen.pdbx_host_org_vector_type          ? 
_entity_src_gen.pdbx_host_org_vector               ? 
_entity_src_gen.host_org_details                   ? 
_entity_src_gen.expression_system_id               ? 
_entity_src_gen.plasmid_name                       ? 
_entity_src_gen.plasmid_details                    ? 
_entity_src_gen.pdbx_description                   ? 
# 
loop_
_chem_comp.id 
_chem_comp.type 
_chem_comp.mon_nstd_flag 
_chem_comp.name 
_chem_comp.pdbx_synonyms 
_chem_comp.formula 
_chem_comp.formula_weight 
ACE non-polymer         . 'ACETYL GROUP'  ? 'C2 H4 O'        44.053  
ALA 'L-peptide linking' y ALANINE         ? 'C3 H7 N O2'     89.093  
ARG 'L-peptide linking' y ARGININE        ? 'C6 H15 N4 O2 1' 175.209 
ASN 'L-peptide linking' y ASPARAGINE      ? 'C4 H8 N2 O3'    132.118 
ASP 'L-peptide linking' y 'ASPARTIC ACID' ? 'C4 H7 N O4'     133.103 
CYS 'L-peptide linking' y CYSTEINE        ? 'C3 H7 N O2 S'   121.158 
GLY 'peptide linking'   y GLYCINE         ? 'C2 H5 N O2'     75.067  
LYS 'L-peptide linking' y LYSINE          ? 'C6 H15 N2 O2 1' 147.195 
PHE 'L-peptide linking' y PHENYLALANINE   ? 'C9 H11 N O2'    165.189 
PRO 'L-peptide linking' y PROLINE         ? 'C5 H9 N O2'     115.130 
SER 'L-peptide linking' y SERINE          ? 'C3 H7 N O3'     105.093 
THR 'L-peptide linking' y THREONINE       ? 'C4 H9 N O3'     119.119 
VAL 'L-peptide linking' y VALINE          ? 'C5 H11 N O2'    117.146 
# 
loop_
_pdbx_poly_seq_scheme.asym_id 
_pdbx_poly_seq_scheme.entity_id 
_pdbx_poly_seq_scheme.seq_id 
_pdbx_poly_seq_scheme.mon_id 
_pdbx_poly_seq_scheme.ndb_seq_num 
_pdbx_poly_seq_scheme.pdb_seq_num 
_pdbx_poly_seq_scheme.auth_seq_num 
_pdbx_poly_seq_scheme.pdb_mon_id 
_pdbx_poly_seq_scheme.auth_mon_id 
_pdbx_poly_seq_scheme.pdb_strand_id 
_pdbx_poly_seq_scheme.pdb_ins_code 
_pdbx_poly_seq_scheme.hetero 
A 1 1  ACE 1  127 127 ACE ACE A . n 
A 1 2  SER 2  128 128 SER SER A . n 
A 1 3  CYS 3  129 129 CYS CYS A . n 
A 1 4  ALA 4  130 130 ALA ALA A . n 
A 1 5  THR 5  131 131 THR THR A . n 
A 1 6  THR 6  132 132 THR THR A . n 
A 1 7  VAL 7  133 133 VAL VAL A . n 
A 1 8  ASP 8  134 134 ASP ASP A . n 
A 1 9  ALA 9  135 135 ALA ALA A . n 
A 1 10 LYS 10 136 136 LYS LYS A . n 
A 1 11 PHE 11 137 137 PHE PHE A . n 
A 1 12 ARG 12 138 138 ARG ARG A . n 
A 1 13 PRO 13 139 139 PRO PRO A . n 
A 1 14 ASN 14 140 140 ASN ASN A . n 
A 1 15 GLY 15 141 141 GLY GLY A . n 
A 1 16 CYS 16 142 142 CYS CYS A . n 
A 1 17 THR 17 143 143 THR THR A . n 
A 1 18 ASP 18 144 144 ASP ASP A . n 
# 
_cell.entry_id           1KB7 
_cell.length_a           1.000 
_cell.length_b           1.000 
_cell.length_c           1.000 
_cell.angle_alpha        90.00 
_cell.angle_beta         90.00 
_cell.angle_gamma        90.00 
_cell.Z_PDB              1 
_cell.pdbx_unique_axis   ? 
# 
_symmetry.entry_id                         1KB7 
_symmetry.space_group_name_H-M             'P 1' 
_symmetry.pdbx_full_space_group_name_H-M   ? 
_symmetry.cell_setting                     ? 
_symmetry.Int_Tables_number                1 
# 
_exptl.entry_id          1KB7 
_exptl.method            'SOLUTION NMR' 
_exptl.crystals_number   ? 
# 
_struct.entry_id                  1KB7 
_struct.title                     
;A COMPARISON OF NMR SOLUTION STRUCTURES OF THE RECEPTOR BINDING DOMAINS OF PSEUDOMONAS AERUGINOSA PILI STRAINS PAO, KB7, AND PAK: IMPLICATIONS FOR RECEPTOR BINDING AND SYNTHETIC VACCINE DESIGN
;
_struct.pdbx_model_details        ? 
_struct.pdbx_CASP_flag            ? 
_struct.pdbx_model_type_details   ? 
# 
_struct_keywords.entry_id        1KB7 
_struct_keywords.pdbx_keywords   'FIMBRIAL PROTEIN' 
_struct_keywords.text            'FIMBRIAL PROTEIN' 
# 
_struct_asym.id                            A 
_struct_asym.pdbx_blank_PDB_chainid_flag   Y 
_struct_asym.pdbx_modified                 N 
_struct_asym.entity_id                     1 
_struct_asym.details                       ? 
# 
_struct_ref.id                         1 
_struct_ref.db_name                    UNP 
_struct_ref.db_code                    FMK7_PSEAE 
_struct_ref.entity_id                  1 
_struct_ref.pdbx_db_accession          Q53391 
_struct_ref.pdbx_align_begin           1 
_struct_ref.pdbx_seq_one_letter_code   DVNGGWSCATTVDAKFRPNGCTD 
_struct_ref.pdbx_db_isoform            ? 
# 
_struct_ref_seq.align_id                      1 
_struct_ref_seq.ref_id                        1 
_struct_ref_seq.pdbx_PDB_id_code              1KB7 
_struct_ref_seq.pdbx_strand_id                A 
_struct_ref_seq.seq_align_beg                 2 
_struct_ref_seq.pdbx_seq_align_beg_ins_code   ? 
_struct_ref_seq.seq_align_end                 18 
_struct_ref_seq.pdbx_seq_align_end_ins_code   ? 
_struct_ref_seq.pdbx_db_accession             Q53391 
_struct_ref_seq.db_align_beg                  7 
_struct_ref_seq.pdbx_db_align_beg_ins_code    ? 
_struct_ref_seq.db_align_end                  23 
_struct_ref_seq.pdbx_db_align_end_ins_code    ? 
_struct_ref_seq.pdbx_auth_seq_align_beg       128 
_struct_ref_seq.pdbx_auth_seq_align_end       144 
# 
_pdbx_struct_assembly.id                   1 
_pdbx_struct_assembly.details              author_defined_assembly 
_pdbx_struct_assembly.method_details       ? 
_pdbx_struct_assembly.oligomeric_details   monomeric 
_pdbx_struct_assembly.oligomeric_count     1 
# 
_pdbx_struct_assembly_gen.assembly_id       1 
_pdbx_struct_assembly_gen.oper_expression   1 
_pdbx_struct_assembly_gen.asym_id_list      A 
# 
_pdbx_struct_oper_list.id                   1 
_pdbx_struct_oper_list.type                 'identity operation' 
_pdbx_struct_oper_list.name                 1_555 
_pdbx_struct_oper_list.symmetry_operation   ? 
_pdbx_struct_oper_list.matrix[1][1]         1.0000000000 
_pdbx_struct_oper_list.matrix[1][2]         0.0000000000 
_pdbx_struct_oper_list.matrix[1][3]         0.0000000000 
_pdbx_struct_oper_list.vector[1]            0.0000000000 
_pdbx_struct_oper_list.matrix[2][1]         0.0000000000 
_pdbx_struct_oper_list.matrix[2][2]         1.0000000000 
_pdbx_struct_oper_list.matrix[2][3]         0.0000000000 
_pdbx_struct_oper_list.vector[2]            0.0000000000 
_pdbx_struct_oper_list.matrix[3][1]         0.0000000000 
_pdbx_struct_oper_list.matrix[3][2]         0.0000000000 
_pdbx_struct_oper_list.matrix[3][3]         1.0000000000 
_pdbx_struct_oper_list.vector[3]            0.0000000000 
# 
_struct_biol.id   1 
# 
loop_
_struct_conn.id 
_struct_conn.conn_type_id 
_struct_conn.pdbx_leaving_atom_flag 
_struct_conn.pdbx_PDB_id 
_struct_conn.ptnr1_label_asym_id 
_struct_conn.ptnr1_label_comp_id 
_struct_conn.ptnr1_label_seq_id 
_struct_conn.ptnr1_label_atom_id 
_struct_conn.pdbx_ptnr1_label_alt_id 
_struct_conn.pdbx_ptnr1_PDB_ins_code 
_struct_conn.pdbx_ptnr1_standard_comp_id 
_struct_conn.ptnr1_symmetry 
_struct_conn.ptnr2_label_asym_id 
_struct_conn.ptnr2_label_comp_id 
_struct_conn.ptnr2_label_seq_id 
_struct_conn.ptnr2_label_atom_id 
_struct_conn.pdbx_ptnr2_label_alt_id 
_struct_conn.pdbx_ptnr2_PDB_ins_code 
_struct_conn.ptnr1_auth_asym_id 
_struct_conn.ptnr1_auth_comp_id 
_struct_conn.ptnr1_auth_seq_id 
_struct_conn.ptnr2_auth_asym_id 
_struct_conn.ptnr2_auth_comp_id 
_struct_conn.ptnr2_auth_seq_id 
_struct_conn.ptnr2_symmetry 
_struct_conn.pdbx_ptnr3_label_atom_id 
_struct_conn.pdbx_ptnr3_label_seq_id 
_struct_conn.pdbx_ptnr3_label_comp_id 
_struct_conn.pdbx_ptnr3_label_asym_id 
_struct_conn.pdbx_ptnr3_label_alt_id 
_struct_conn.pdbx_ptnr3_PDB_ins_code 
_struct_conn.details 
_struct_conn.pdbx_dist_value 
_struct_conn.pdbx_value_order 
_struct_conn.pdbx_role 
disulf1 disulf ?    ? A CYS 3 SG ? ? ? 1_555 A CYS 16 SG ? ? A CYS 129 A CYS 142 1_555 ? ? ? ? ? ? ? 1.996 ? ? 
covale1 covale both ? A ACE 1 C  ? ? ? 1_555 A SER 2  N  ? ? A ACE 127 A SER 128 1_555 ? ? ? ? ? ? ? 1.342 ? ? 
# 
loop_
_struct_conn_type.id 
_struct_conn_type.criteria 
_struct_conn_type.reference 
disulf ? ? 
covale ? ? 
# 
loop_
_pdbx_modification_feature.ordinal 
_pdbx_modification_feature.label_comp_id 
_pdbx_modification_feature.label_asym_id 
_pdbx_modification_feature.label_seq_id 
_pdbx_modification_feature.label_alt_id 
_pdbx_modification_feature.modified_residue_label_comp_id 
_pdbx_modification_feature.modified_residue_label_asym_id 
_pdbx_modification_feature.modified_residue_label_seq_id 
_pdbx_modification_feature.modified_residue_label_alt_id 
_pdbx_modification_feature.auth_comp_id 
_pdbx_modification_feature.auth_asym_id 
_pdbx_modification_feature.auth_seq_id 
_pdbx_modification_feature.PDB_ins_code 
_pdbx_modification_feature.symmetry 
_pdbx_modification_feature.modified_residue_auth_comp_id 
_pdbx_modification_feature.modified_residue_auth_asym_id 
_pdbx_modification_feature.modified_residue_auth_seq_id 
_pdbx_modification_feature.modified_residue_PDB_ins_code 
_pdbx_modification_feature.modified_residue_symmetry 
_pdbx_modification_feature.comp_id_linking_atom 
_pdbx_modification_feature.modified_residue_id_linking_atom 
_pdbx_modification_feature.modified_residue_id 
_pdbx_modification_feature.ref_pcm_id 
_pdbx_modification_feature.ref_comp_id 
_pdbx_modification_feature.type 
_pdbx_modification_feature.category 
1 ACE A 1 ? SER A 2  ? ACE A 127 ? 1_555 SER A 128 ? 1_555 .  .  SER 6 ACE None 'Terminal acetylation' 
2 CYS A 3 ? CYS A 16 ? CYS A 129 ? 1_555 CYS A 142 ? 1_555 SG SG .   . .   None 'Disulfide bridge'     
# 
_pdbx_entry_details.entry_id                   1KB7 
_pdbx_entry_details.compound_details           ? 
_pdbx_entry_details.source_details             ? 
_pdbx_entry_details.nonpolymer_details         ? 
_pdbx_entry_details.sequence_details           ? 
_pdbx_entry_details.has_ligand_of_interest     ? 
_pdbx_entry_details.has_protein_modification   Y 
# 
_pdbx_validate_rmsd_bond.id                        1 
_pdbx_validate_rmsd_bond.PDB_model_num             1 
_pdbx_validate_rmsd_bond.auth_atom_id_1            C 
_pdbx_validate_rmsd_bond.auth_asym_id_1            A 
_pdbx_validate_rmsd_bond.auth_comp_id_1            ASP 
_pdbx_validate_rmsd_bond.auth_seq_id_1             144 
_pdbx_validate_rmsd_bond.PDB_ins_code_1            ? 
_pdbx_validate_rmsd_bond.label_alt_id_1            ? 
_pdbx_validate_rmsd_bond.auth_atom_id_2            OXT 
_pdbx_validate_rmsd_bond.auth_asym_id_2            A 
_pdbx_validate_rmsd_bond.auth_comp_id_2            ASP 
_pdbx_validate_rmsd_bond.auth_seq_id_2             144 
_pdbx_validate_rmsd_bond.PDB_ins_code_2            ? 
_pdbx_validate_rmsd_bond.label_alt_id_2            ? 
_pdbx_validate_rmsd_bond.bond_value                1.372 
_pdbx_validate_rmsd_bond.bond_target_value         1.229 
_pdbx_validate_rmsd_bond.bond_deviation            0.143 
_pdbx_validate_rmsd_bond.bond_standard_deviation   0.019 
_pdbx_validate_rmsd_bond.linker_flag               N 
# 
loop_
_pdbx_validate_rmsd_angle.id 
_pdbx_validate_rmsd_angle.PDB_model_num 
_pdbx_validate_rmsd_angle.auth_atom_id_1 
_pdbx_validate_rmsd_angle.auth_asym_id_1 
_pdbx_validate_rmsd_angle.auth_comp_id_1 
_pdbx_validate_rmsd_angle.auth_seq_id_1 
_pdbx_validate_rmsd_angle.PDB_ins_code_1 
_pdbx_validate_rmsd_angle.label_alt_id_1 
_pdbx_validate_rmsd_angle.auth_atom_id_2 
_pdbx_validate_rmsd_angle.auth_asym_id_2 
_pdbx_validate_rmsd_angle.auth_comp_id_2 
_pdbx_validate_rmsd_angle.auth_seq_id_2 
_pdbx_validate_rmsd_angle.PDB_ins_code_2 
_pdbx_validate_rmsd_angle.label_alt_id_2 
_pdbx_validate_rmsd_angle.auth_atom_id_3 
_pdbx_validate_rmsd_angle.auth_asym_id_3 
_pdbx_validate_rmsd_angle.auth_comp_id_3 
_pdbx_validate_rmsd_angle.auth_seq_id_3 
_pdbx_validate_rmsd_angle.PDB_ins_code_3 
_pdbx_validate_rmsd_angle.label_alt_id_3 
_pdbx_validate_rmsd_angle.angle_value 
_pdbx_validate_rmsd_angle.angle_target_value 
_pdbx_validate_rmsd_angle.angle_deviation 
_pdbx_validate_rmsd_angle.angle_standard_deviation 
_pdbx_validate_rmsd_angle.linker_flag 
1 1 CB A ASP 134 ? ? CG A ASP 134 ? ? OD2 A ASP 134 ? ? 112.38 118.30 -5.92 0.90 N 
2 1 NE A ARG 138 ? ? CZ A ARG 138 ? ? NH1 A ARG 138 ? ? 124.07 120.30 3.77  0.50 N 
3 1 CB A ASP 144 ? ? CG A ASP 144 ? ? OD2 A ASP 144 ? ? 112.34 118.30 -5.96 0.90 N 
# 
_pdbx_validate_torsion.id              1 
_pdbx_validate_torsion.PDB_model_num   1 
_pdbx_validate_torsion.auth_comp_id    THR 
_pdbx_validate_torsion.auth_asym_id    A 
_pdbx_validate_torsion.auth_seq_id     131 
_pdbx_validate_torsion.PDB_ins_code    ? 
_pdbx_validate_torsion.label_alt_id    ? 
_pdbx_validate_torsion.phi             -135.53 
_pdbx_validate_torsion.psi             -67.97 
# 
_pdbx_nmr_ensemble.entry_id                             1KB7 
_pdbx_nmr_ensemble.conformers_calculated_total_number   ? 
_pdbx_nmr_ensemble.conformers_submitted_total_number    1 
_pdbx_nmr_ensemble.conformer_selection_criteria         ? 
# 
_pdbx_nmr_software.classification   refinement 
_pdbx_nmr_software.name             'PEPFLEX II' 
_pdbx_nmr_software.version          ? 
_pdbx_nmr_software.authors          ? 
_pdbx_nmr_software.ordinal          1 
# 
loop_
_chem_comp_atom.comp_id 
_chem_comp_atom.atom_id 
_chem_comp_atom.type_symbol 
_chem_comp_atom.pdbx_aromatic_flag 
_chem_comp_atom.pdbx_stereo_config 
_chem_comp_atom.pdbx_ordinal 
ACE C    C N N 1   
ACE O    O N N 2   
ACE CH3  C N N 3   
ACE H    H N N 4   
ACE H1   H N N 5   
ACE H2   H N N 6   
ACE H3   H N N 7   
ALA N    N N N 8   
ALA CA   C N S 9   
ALA C    C N N 10  
ALA O    O N N 11  
ALA CB   C N N 12  
ALA OXT  O N N 13  
ALA H    H N N 14  
ALA H2   H N N 15  
ALA HA   H N N 16  
ALA HB1  H N N 17  
ALA HB2  H N N 18  
ALA HB3  H N N 19  
ALA HXT  H N N 20  
ARG N    N N N 21  
ARG CA   C N S 22  
ARG C    C N N 23  
ARG O    O N N 24  
ARG CB   C N N 25  
ARG CG   C N N 26  
ARG CD   C N N 27  
ARG NE   N N N 28  
ARG CZ   C N N 29  
ARG NH1  N N N 30  
ARG NH2  N N N 31  
ARG OXT  O N N 32  
ARG H    H N N 33  
ARG H2   H N N 34  
ARG HA   H N N 35  
ARG HB2  H N N 36  
ARG HB3  H N N 37  
ARG HG2  H N N 38  
ARG HG3  H N N 39  
ARG HD2  H N N 40  
ARG HD3  H N N 41  
ARG HE   H N N 42  
ARG HH11 H N N 43  
ARG HH12 H N N 44  
ARG HH21 H N N 45  
ARG HH22 H N N 46  
ARG HXT  H N N 47  
ASN N    N N N 48  
ASN CA   C N S 49  
ASN C    C N N 50  
ASN O    O N N 51  
ASN CB   C N N 52  
ASN CG   C N N 53  
ASN OD1  O N N 54  
ASN ND2  N N N 55  
ASN OXT  O N N 56  
ASN H    H N N 57  
ASN H2   H N N 58  
ASN HA   H N N 59  
ASN HB2  H N N 60  
ASN HB3  H N N 61  
ASN HD21 H N N 62  
ASN HD22 H N N 63  
ASN HXT  H N N 64  
ASP N    N N N 65  
ASP CA   C N S 66  
ASP C    C N N 67  
ASP O    O N N 68  
ASP CB   C N N 69  
ASP CG   C N N 70  
ASP OD1  O N N 71  
ASP OD2  O N N 72  
ASP OXT  O N N 73  
ASP H    H N N 74  
ASP H2   H N N 75  
ASP HA   H N N 76  
ASP HB2  H N N 77  
ASP HB3  H N N 78  
ASP HD2  H N N 79  
ASP HXT  H N N 80  
CYS N    N N N 81  
CYS CA   C N R 82  
CYS C    C N N 83  
CYS O    O N N 84  
CYS CB   C N N 85  
CYS SG   S N N 86  
CYS OXT  O N N 87  
CYS H    H N N 88  
CYS H2   H N N 89  
CYS HA   H N N 90  
CYS HB2  H N N 91  
CYS HB3  H N N 92  
CYS HG   H N N 93  
CYS HXT  H N N 94  
GLY N    N N N 95  
GLY CA   C N N 96  
GLY C    C N N 97  
GLY O    O N N 98  
GLY OXT  O N N 99  
GLY H    H N N 100 
GLY H2   H N N 101 
GLY HA2  H N N 102 
GLY HA3  H N N 103 
GLY HXT  H N N 104 
LYS N    N N N 105 
LYS CA   C N S 106 
LYS C    C N N 107 
LYS O    O N N 108 
LYS CB   C N N 109 
LYS CG   C N N 110 
LYS CD   C N N 111 
LYS CE   C N N 112 
LYS NZ   N N N 113 
LYS OXT  O N N 114 
LYS H    H N N 115 
LYS H2   H N N 116 
LYS HA   H N N 117 
LYS HB2  H N N 118 
LYS HB3  H N N 119 
LYS HG2  H N N 120 
LYS HG3  H N N 121 
LYS HD2  H N N 122 
LYS HD3  H N N 123 
LYS HE2  H N N 124 
LYS HE3  H N N 125 
LYS HZ1  H N N 126 
LYS HZ2  H N N 127 
LYS HZ3  H N N 128 
LYS HXT  H N N 129 
PHE N    N N N 130 
PHE CA   C N S 131 
PHE C    C N N 132 
PHE O    O N N 133 
PHE CB   C N N 134 
PHE CG   C Y N 135 
PHE CD1  C Y N 136 
PHE CD2  C Y N 137 
PHE CE1  C Y N 138 
PHE CE2  C Y N 139 
PHE CZ   C Y N 140 
PHE OXT  O N N 141 
PHE H    H N N 142 
PHE H2   H N N 143 
PHE HA   H N N 144 
PHE HB2  H N N 145 
PHE HB3  H N N 146 
PHE HD1  H N N 147 
PHE HD2  H N N 148 
PHE HE1  H N N 149 
PHE HE2  H N N 150 
PHE HZ   H N N 151 
PHE HXT  H N N 152 
PRO N    N N N 153 
PRO CA   C N S 154 
PRO C    C N N 155 
PRO O    O N N 156 
PRO CB   C N N 157 
PRO CG   C N N 158 
PRO CD   C N N 159 
PRO OXT  O N N 160 
PRO H    H N N 161 
PRO HA   H N N 162 
PRO HB2  H N N 163 
PRO HB3  H N N 164 
PRO HG2  H N N 165 
PRO HG3  H N N 166 
PRO HD2  H N N 167 
PRO HD3  H N N 168 
PRO HXT  H N N 169 
SER N    N N N 170 
SER CA   C N S 171 
SER C    C N N 172 
SER O    O N N 173 
SER CB   C N N 174 
SER OG   O N N 175 
SER OXT  O N N 176 
SER H    H N N 177 
SER H2   H N N 178 
SER HA   H N N 179 
SER HB2  H N N 180 
SER HB3  H N N 181 
SER HG   H N N 182 
SER HXT  H N N 183 
THR N    N N N 184 
THR CA   C N S 185 
THR C    C N N 186 
THR O    O N N 187 
THR CB   C N R 188 
THR OG1  O N N 189 
THR CG2  C N N 190 
THR OXT  O N N 191 
THR H    H N N 192 
THR H2   H N N 193 
THR HA   H N N 194 
THR HB   H N N 195 
THR HG1  H N N 196 
THR HG21 H N N 197 
THR HG22 H N N 198 
THR HG23 H N N 199 
THR HXT  H N N 200 
VAL N    N N N 201 
VAL CA   C N S 202 
VAL C    C N N 203 
VAL O    O N N 204 
VAL CB   C N N 205 
VAL CG1  C N N 206 
VAL CG2  C N N 207 
VAL OXT  O N N 208 
VAL H    H N N 209 
VAL H2   H N N 210 
VAL HA   H N N 211 
VAL HB   H N N 212 
VAL HG11 H N N 213 
VAL HG12 H N N 214 
VAL HG13 H N N 215 
VAL HG21 H N N 216 
VAL HG22 H N N 217 
VAL HG23 H N N 218 
VAL HXT  H N N 219 
# 
loop_
_chem_comp_bond.comp_id 
_chem_comp_bond.atom_id_1 
_chem_comp_bond.atom_id_2 
_chem_comp_bond.value_order 
_chem_comp_bond.pdbx_aromatic_flag 
_chem_comp_bond.pdbx_stereo_config 
_chem_comp_bond.pdbx_ordinal 
ACE C   O    doub N N 1   
ACE C   CH3  sing N N 2   
ACE C   H    sing N N 3   
ACE CH3 H1   sing N N 4   
ACE CH3 H2   sing N N 5   
ACE CH3 H3   sing N N 6   
ALA N   CA   sing N N 7   
ALA N   H    sing N N 8   
ALA N   H2   sing N N 9   
ALA CA  C    sing N N 10  
ALA CA  CB   sing N N 11  
ALA CA  HA   sing N N 12  
ALA C   O    doub N N 13  
ALA C   OXT  sing N N 14  
ALA CB  HB1  sing N N 15  
ALA CB  HB2  sing N N 16  
ALA CB  HB3  sing N N 17  
ALA OXT HXT  sing N N 18  
ARG N   CA   sing N N 19  
ARG N   H    sing N N 20  
ARG N   H2   sing N N 21  
ARG CA  C    sing N N 22  
ARG CA  CB   sing N N 23  
ARG CA  HA   sing N N 24  
ARG C   O    doub N N 25  
ARG C   OXT  sing N N 26  
ARG CB  CG   sing N N 27  
ARG CB  HB2  sing N N 28  
ARG CB  HB3  sing N N 29  
ARG CG  CD   sing N N 30  
ARG CG  HG2  sing N N 31  
ARG CG  HG3  sing N N 32  
ARG CD  NE   sing N N 33  
ARG CD  HD2  sing N N 34  
ARG CD  HD3  sing N N 35  
ARG NE  CZ   sing N N 36  
ARG NE  HE   sing N N 37  
ARG CZ  NH1  sing N N 38  
ARG CZ  NH2  doub N N 39  
ARG NH1 HH11 sing N N 40  
ARG NH1 HH12 sing N N 41  
ARG NH2 HH21 sing N N 42  
ARG NH2 HH22 sing N N 43  
ARG OXT HXT  sing N N 44  
ASN N   CA   sing N N 45  
ASN N   H    sing N N 46  
ASN N   H2   sing N N 47  
ASN CA  C    sing N N 48  
ASN CA  CB   sing N N 49  
ASN CA  HA   sing N N 50  
ASN C   O    doub N N 51  
ASN C   OXT  sing N N 52  
ASN CB  CG   sing N N 53  
ASN CB  HB2  sing N N 54  
ASN CB  HB3  sing N N 55  
ASN CG  OD1  doub N N 56  
ASN CG  ND2  sing N N 57  
ASN ND2 HD21 sing N N 58  
ASN ND2 HD22 sing N N 59  
ASN OXT HXT  sing N N 60  
ASP N   CA   sing N N 61  
ASP N   H    sing N N 62  
ASP N   H2   sing N N 63  
ASP CA  C    sing N N 64  
ASP CA  CB   sing N N 65  
ASP CA  HA   sing N N 66  
ASP C   O    doub N N 67  
ASP C   OXT  sing N N 68  
ASP CB  CG   sing N N 69  
ASP CB  HB2  sing N N 70  
ASP CB  HB3  sing N N 71  
ASP CG  OD1  doub N N 72  
ASP CG  OD2  sing N N 73  
ASP OD2 HD2  sing N N 74  
ASP OXT HXT  sing N N 75  
CYS N   CA   sing N N 76  
CYS N   H    sing N N 77  
CYS N   H2   sing N N 78  
CYS CA  C    sing N N 79  
CYS CA  CB   sing N N 80  
CYS CA  HA   sing N N 81  
CYS C   O    doub N N 82  
CYS C   OXT  sing N N 83  
CYS CB  SG   sing N N 84  
CYS CB  HB2  sing N N 85  
CYS CB  HB3  sing N N 86  
CYS SG  HG   sing N N 87  
CYS OXT HXT  sing N N 88  
GLY N   CA   sing N N 89  
GLY N   H    sing N N 90  
GLY N   H2   sing N N 91  
GLY CA  C    sing N N 92  
GLY CA  HA2  sing N N 93  
GLY CA  HA3  sing N N 94  
GLY C   O    doub N N 95  
GLY C   OXT  sing N N 96  
GLY OXT HXT  sing N N 97  
LYS N   CA   sing N N 98  
LYS N   H    sing N N 99  
LYS N   H2   sing N N 100 
LYS CA  C    sing N N 101 
LYS CA  CB   sing N N 102 
LYS CA  HA   sing N N 103 
LYS C   O    doub N N 104 
LYS C   OXT  sing N N 105 
LYS CB  CG   sing N N 106 
LYS CB  HB2  sing N N 107 
LYS CB  HB3  sing N N 108 
LYS CG  CD   sing N N 109 
LYS CG  HG2  sing N N 110 
LYS CG  HG3  sing N N 111 
LYS CD  CE   sing N N 112 
LYS CD  HD2  sing N N 113 
LYS CD  HD3  sing N N 114 
LYS CE  NZ   sing N N 115 
LYS CE  HE2  sing N N 116 
LYS CE  HE3  sing N N 117 
LYS NZ  HZ1  sing N N 118 
LYS NZ  HZ2  sing N N 119 
LYS NZ  HZ3  sing N N 120 
LYS OXT HXT  sing N N 121 
PHE N   CA   sing N N 122 
PHE N   H    sing N N 123 
PHE N   H2   sing N N 124 
PHE CA  C    sing N N 125 
PHE CA  CB   sing N N 126 
PHE CA  HA   sing N N 127 
PHE C   O    doub N N 128 
PHE C   OXT  sing N N 129 
PHE CB  CG   sing N N 130 
PHE CB  HB2  sing N N 131 
PHE CB  HB3  sing N N 132 
PHE CG  CD1  doub Y N 133 
PHE CG  CD2  sing Y N 134 
PHE CD1 CE1  sing Y N 135 
PHE CD1 HD1  sing N N 136 
PHE CD2 CE2  doub Y N 137 
PHE CD2 HD2  sing N N 138 
PHE CE1 CZ   doub Y N 139 
PHE CE1 HE1  sing N N 140 
PHE CE2 CZ   sing Y N 141 
PHE CE2 HE2  sing N N 142 
PHE CZ  HZ   sing N N 143 
PHE OXT HXT  sing N N 144 
PRO N   CA   sing N N 145 
PRO N   CD   sing N N 146 
PRO N   H    sing N N 147 
PRO CA  C    sing N N 148 
PRO CA  CB   sing N N 149 
PRO CA  HA   sing N N 150 
PRO C   O    doub N N 151 
PRO C   OXT  sing N N 152 
PRO CB  CG   sing N N 153 
PRO CB  HB2  sing N N 154 
PRO CB  HB3  sing N N 155 
PRO CG  CD   sing N N 156 
PRO CG  HG2  sing N N 157 
PRO CG  HG3  sing N N 158 
PRO CD  HD2  sing N N 159 
PRO CD  HD3  sing N N 160 
PRO OXT HXT  sing N N 161 
SER N   CA   sing N N 162 
SER N   H    sing N N 163 
SER N   H2   sing N N 164 
SER CA  C    sing N N 165 
SER CA  CB   sing N N 166 
SER CA  HA   sing N N 167 
SER C   O    doub N N 168 
SER C   OXT  sing N N 169 
SER CB  OG   sing N N 170 
SER CB  HB2  sing N N 171 
SER CB  HB3  sing N N 172 
SER OG  HG   sing N N 173 
SER OXT HXT  sing N N 174 
THR N   CA   sing N N 175 
THR N   H    sing N N 176 
THR N   H2   sing N N 177 
THR CA  C    sing N N 178 
THR CA  CB   sing N N 179 
THR CA  HA   sing N N 180 
THR C   O    doub N N 181 
THR C   OXT  sing N N 182 
THR CB  OG1  sing N N 183 
THR CB  CG2  sing N N 184 
THR CB  HB   sing N N 185 
THR OG1 HG1  sing N N 186 
THR CG2 HG21 sing N N 187 
THR CG2 HG22 sing N N 188 
THR CG2 HG23 sing N N 189 
THR OXT HXT  sing N N 190 
VAL N   CA   sing N N 191 
VAL N   H    sing N N 192 
VAL N   H2   sing N N 193 
VAL CA  C    sing N N 194 
VAL CA  CB   sing N N 195 
VAL CA  HA   sing N N 196 
VAL C   O    doub N N 197 
VAL C   OXT  sing N N 198 
VAL CB  CG1  sing N N 199 
VAL CB  CG2  sing N N 200 
VAL CB  HB   sing N N 201 
VAL CG1 HG11 sing N N 202 
VAL CG1 HG12 sing N N 203 
VAL CG1 HG13 sing N N 204 
VAL CG2 HG21 sing N N 205 
VAL CG2 HG22 sing N N 206 
VAL CG2 HG23 sing N N 207 
VAL OXT HXT  sing N N 208 
# 
_atom_sites.entry_id                    1KB7 
_atom_sites.fract_transf_matrix[1][1]   1.000000 
_atom_sites.fract_transf_matrix[1][2]   0.000000 
_atom_sites.fract_transf_matrix[1][3]   0.000000 
_atom_sites.fract_transf_matrix[2][1]   0.000000 
_atom_sites.fract_transf_matrix[2][2]   1.000000 
_atom_sites.fract_transf_matrix[2][3]   0.000000 
_atom_sites.fract_transf_matrix[3][1]   0.000000 
_atom_sites.fract_transf_matrix[3][2]   0.000000 
_atom_sites.fract_transf_matrix[3][3]   1.000000 
_atom_sites.fract_transf_vector[1]      0.00000 
_atom_sites.fract_transf_vector[2]      0.00000 
_atom_sites.fract_transf_vector[3]      0.00000 
# 
loop_
_atom_type.symbol 
C 
H 
N 
O 
S 
# 
loop_
_atom_site.group_PDB 
_atom_site.id 
_atom_site.type_symbol 
_atom_site.label_atom_id 
_atom_site.label_alt_id 
_atom_site.label_comp_id 
_atom_site.label_asym_id 
_atom_site.label_entity_id 
_atom_site.label_seq_id 
_atom_site.pdbx_PDB_ins_code 
_atom_site.Cartn_x 
_atom_site.Cartn_y 
_atom_site.Cartn_z 
_atom_site.occupancy 
_atom_site.B_iso_or_equiv 
_atom_site.pdbx_formal_charge 
_atom_site.auth_seq_id 
_atom_site.auth_comp_id 
_atom_site.auth_asym_id 
_atom_site.auth_atom_id 
_atom_site.pdbx_PDB_model_num 
HETATM 1   C C    . ACE A 1 1  ? -1.768 6.154  6.929   1.00 0.00 ? 127 ACE A C    1 
HETATM 2   O O    . ACE A 1 1  ? -1.025 5.427  7.594   1.00 0.00 ? 127 ACE A O    1 
HETATM 3   C CH3  . ACE A 1 1  ? -1.688 7.674  7.066   1.00 0.00 ? 127 ACE A CH3  1 
HETATM 4   H H1   . ACE A 1 1  ? -2.651 8.102  7.405   1.00 0.00 ? 127 ACE A H1   1 
HETATM 5   H H2   . ACE A 1 1  ? -1.422 8.154  6.105   1.00 0.00 ? 127 ACE A H2   1 
HETATM 6   H H3   . ACE A 1 1  ? -0.920 7.971  7.803   1.00 0.00 ? 127 ACE A H3   1 
ATOM   7   N N    . SER A 1 2  ? -2.677 5.699  6.052   1.00 0.00 ? 128 SER A N    1 
ATOM   8   C CA   . SER A 1 2  ? -2.888 4.251  5.786   1.00 0.00 ? 128 SER A CA   1 
ATOM   9   C C    . SER A 1 2  ? -2.037 3.763  4.578   1.00 0.00 ? 128 SER A C    1 
ATOM   10  O O    . SER A 1 2  ? -1.790 4.501  3.616   1.00 0.00 ? 128 SER A O    1 
ATOM   11  C CB   . SER A 1 2  ? -4.397 3.991  5.556   1.00 0.00 ? 128 SER A CB   1 
ATOM   12  O OG   . SER A 1 2  ? -4.908 4.685  4.422   1.00 0.00 ? 128 SER A OG   1 
ATOM   13  H H    . SER A 1 2  ? -3.198 6.419  5.540   1.00 0.00 ? 128 SER A H    1 
ATOM   14  H HA   . SER A 1 2  ? -2.605 3.667  6.685   1.00 0.00 ? 128 SER A HA   1 
ATOM   15  H HB2  . SER A 1 2  ? -4.580 2.908  5.435   1.00 0.00 ? 128 SER A HB2  1 
ATOM   16  H HB3  . SER A 1 2  ? -4.971 4.301  6.450   1.00 0.00 ? 128 SER A HB3  1 
ATOM   17  H HG   . SER A 1 2  ? -4.760 5.617  4.593   1.00 0.00 ? 128 SER A HG   1 
ATOM   18  N N    . CYS A 1 3  ? -1.621 2.484  4.633   1.00 0.00 ? 129 CYS A N    1 
ATOM   19  C CA   . CYS A 1 3  ? -0.876 1.817  3.529   1.00 0.00 ? 129 CYS A CA   1 
ATOM   20  C C    . CYS A 1 3  ? -1.728 1.642  2.235   1.00 0.00 ? 129 CYS A C    1 
ATOM   21  O O    . CYS A 1 3  ? -1.273 2.066  1.169   1.00 0.00 ? 129 CYS A O    1 
ATOM   22  C CB   . CYS A 1 3  ? -0.326 0.469  4.043   1.00 0.00 ? 129 CYS A CB   1 
ATOM   23  S SG   . CYS A 1 3  ? 0.662  -0.323 2.760   1.00 0.00 ? 129 CYS A SG   1 
ATOM   24  H H    . CYS A 1 3  ? -1.915 1.973  5.473   1.00 0.00 ? 129 CYS A H    1 
ATOM   25  H HA   . CYS A 1 3  ? 0.004  2.441  3.282   1.00 0.00 ? 129 CYS A HA   1 
ATOM   26  H HB2  . CYS A 1 3  ? 0.307  0.618  4.938   1.00 0.00 ? 129 CYS A HB2  1 
ATOM   27  H HB3  . CYS A 1 3  ? -1.145 -0.214 4.335   1.00 0.00 ? 129 CYS A HB3  1 
ATOM   28  N N    . ALA A 1 4  ? -2.944 1.058  2.327   1.00 0.00 ? 130 ALA A N    1 
ATOM   29  C CA   . ALA A 1 4  ? -3.877 0.948  1.183   1.00 0.00 ? 130 ALA A CA   1 
ATOM   30  C C    . ALA A 1 4  ? -4.750 2.229  1.098   1.00 0.00 ? 130 ALA A C    1 
ATOM   31  O O    . ALA A 1 4  ? -5.617 2.469  1.946   1.00 0.00 ? 130 ALA A O    1 
ATOM   32  C CB   . ALA A 1 4  ? -4.738 -0.316 1.353   1.00 0.00 ? 130 ALA A CB   1 
ATOM   33  H H    . ALA A 1 4  ? -3.207 0.755  3.272   1.00 0.00 ? 130 ALA A H    1 
ATOM   34  H HA   . ALA A 1 4  ? -3.302 0.816  0.247   1.00 0.00 ? 130 ALA A HA   1 
ATOM   35  H HB1  . ALA A 1 4  ? -5.445 -0.435 0.512   1.00 0.00 ? 130 ALA A HB1  1 
ATOM   36  H HB2  . ALA A 1 4  ? -5.335 -0.300 2.284   1.00 0.00 ? 130 ALA A HB2  1 
ATOM   37  H HB3  . ALA A 1 4  ? -4.116 -1.231 1.374   1.00 0.00 ? 130 ALA A HB3  1 
ATOM   38  N N    . THR A 1 5  ? -4.476 3.052  0.072   1.00 0.00 ? 131 THR A N    1 
ATOM   39  C CA   . THR A 1 5  ? -5.177 4.347  -0.159  1.00 0.00 ? 131 THR A CA   1 
ATOM   40  C C    . THR A 1 5  ? -5.516 4.428  -1.681  1.00 0.00 ? 131 THR A C    1 
ATOM   41  O O    . THR A 1 5  ? -6.697 4.363  -2.036  1.00 0.00 ? 131 THR A O    1 
ATOM   42  C CB   . THR A 1 5  ? -4.334 5.543  0.393   1.00 0.00 ? 131 THR A CB   1 
ATOM   43  O OG1  . THR A 1 5  ? -3.992 5.325  1.759   1.00 0.00 ? 131 THR A OG1  1 
ATOM   44  C CG2  . THR A 1 5  ? -5.067 6.893  0.338   1.00 0.00 ? 131 THR A CG2  1 
ATOM   45  H H    . THR A 1 5  ? -3.707 2.744  -0.534  1.00 0.00 ? 131 THR A H    1 
ATOM   46  H HA   . THR A 1 5  ? -6.145 4.346  0.382   1.00 0.00 ? 131 THR A HA   1 
ATOM   47  H HB   . THR A 1 5  ? -3.395 5.628  -0.185  1.00 0.00 ? 131 THR A HB   1 
ATOM   48  H HG1  . THR A 1 5  ? -3.490 4.506  1.782   1.00 0.00 ? 131 THR A HG1  1 
ATOM   49  H HG21 . THR A 1 5  ? -5.325 7.180  -0.697  1.00 0.00 ? 131 THR A HG21 1 
ATOM   50  H HG22 . THR A 1 5  ? -4.440 7.704  0.752   1.00 0.00 ? 131 THR A HG22 1 
ATOM   51  H HG23 . THR A 1 5  ? -6.005 6.873  0.925   1.00 0.00 ? 131 THR A HG23 1 
ATOM   52  N N    . THR A 1 6  ? -4.503 4.553  -2.567  1.00 0.00 ? 132 THR A N    1 
ATOM   53  C CA   . THR A 1 6  ? -4.693 4.581  -4.044  1.00 0.00 ? 132 THR A CA   1 
ATOM   54  C C    . THR A 1 6  ? -4.659 3.111  -4.569  1.00 0.00 ? 132 THR A C    1 
ATOM   55  O O    . THR A 1 6  ? -3.778 2.325  -4.200  1.00 0.00 ? 132 THR A O    1 
ATOM   56  C CB   . THR A 1 6  ? -3.590 5.469  -4.700  1.00 0.00 ? 132 THR A CB   1 
ATOM   57  O OG1  . THR A 1 6  ? -3.564 6.760  -4.097  1.00 0.00 ? 132 THR A OG1  1 
ATOM   58  C CG2  . THR A 1 6  ? -3.788 5.696  -6.210  1.00 0.00 ? 132 THR A CG2  1 
ATOM   59  H H    . THR A 1 6  ? -3.568 4.547  -2.143  1.00 0.00 ? 132 THR A H    1 
ATOM   60  H HA   . THR A 1 6  ? -5.674 5.047  -4.273  1.00 0.00 ? 132 THR A HA   1 
ATOM   61  H HB   . THR A 1 6  ? -2.604 4.994  -4.545  1.00 0.00 ? 132 THR A HB   1 
ATOM   62  H HG1  . THR A 1 6  ? -3.399 6.612  -3.163  1.00 0.00 ? 132 THR A HG1  1 
ATOM   63  H HG21 . THR A 1 6  ? -2.984 6.329  -6.630  1.00 0.00 ? 132 THR A HG21 1 
ATOM   64  H HG22 . THR A 1 6  ? -3.775 4.746  -6.772  1.00 0.00 ? 132 THR A HG22 1 
ATOM   65  H HG23 . THR A 1 6  ? -4.749 6.197  -6.428  1.00 0.00 ? 132 THR A HG23 1 
ATOM   66  N N    . VAL A 1 7  ? -5.622 2.767  -5.449  1.00 0.00 ? 133 VAL A N    1 
ATOM   67  C CA   . VAL A 1 7  ? -5.791 1.383  -5.976  1.00 0.00 ? 133 VAL A CA   1 
ATOM   68  C C    . VAL A 1 7  ? -4.781 1.090  -7.138  1.00 0.00 ? 133 VAL A C    1 
ATOM   69  O O    . VAL A 1 7  ? -5.056 1.334  -8.317  1.00 0.00 ? 133 VAL A O    1 
ATOM   70  C CB   . VAL A 1 7  ? -7.306 1.132  -6.308  1.00 0.00 ? 133 VAL A CB   1 
ATOM   71  C CG1  . VAL A 1 7  ? -7.943 2.015  -7.410  1.00 0.00 ? 133 VAL A CG1  1 
ATOM   72  C CG2  . VAL A 1 7  ? -7.600 -0.357 -6.596  1.00 0.00 ? 133 VAL A CG2  1 
ATOM   73  H H    . VAL A 1 7  ? -6.281 3.518  -5.681  1.00 0.00 ? 133 VAL A H    1 
ATOM   74  H HA   . VAL A 1 7  ? -5.561 0.678  -5.154  1.00 0.00 ? 133 VAL A HA   1 
ATOM   75  H HB   . VAL A 1 7  ? -7.869 1.361  -5.382  1.00 0.00 ? 133 VAL A HB   1 
ATOM   76  H HG11 . VAL A 1 7  ? -7.536 1.800  -8.415  1.00 0.00 ? 133 VAL A HG11 1 
ATOM   77  H HG12 . VAL A 1 7  ? -7.785 3.092  -7.217  1.00 0.00 ? 133 VAL A HG12 1 
ATOM   78  H HG13 . VAL A 1 7  ? -9.037 1.864  -7.469  1.00 0.00 ? 133 VAL A HG13 1 
ATOM   79  H HG21 . VAL A 1 7  ? -7.114 -0.705 -7.526  1.00 0.00 ? 133 VAL A HG21 1 
ATOM   80  H HG22 . VAL A 1 7  ? -7.240 -1.008 -5.777  1.00 0.00 ? 133 VAL A HG22 1 
ATOM   81  H HG23 . VAL A 1 7  ? -8.683 -0.549 -6.702  1.00 0.00 ? 133 VAL A HG23 1 
ATOM   82  N N    . ASP A 1 8  ? -3.607 0.556  -6.757  1.00 0.00 ? 134 ASP A N    1 
ATOM   83  C CA   . ASP A 1 8  ? -2.524 0.153  -7.694  1.00 0.00 ? 134 ASP A CA   1 
ATOM   84  C C    . ASP A 1 8  ? -1.631 -0.893 -6.965  1.00 0.00 ? 134 ASP A C    1 
ATOM   85  O O    . ASP A 1 8  ? -1.297 -0.749 -5.781  1.00 0.00 ? 134 ASP A O    1 
ATOM   86  C CB   . ASP A 1 8  ? -1.627 1.345  -8.144  1.00 0.00 ? 134 ASP A CB   1 
ATOM   87  C CG   . ASP A 1 8  ? -2.221 2.253  -9.226  1.00 0.00 ? 134 ASP A CG   1 
ATOM   88  O OD1  . ASP A 1 8  ? -2.329 1.918  -10.405 1.00 0.00 ? 134 ASP A OD1  1 
ATOM   89  O OD2  . ASP A 1 8  ? -2.612 3.470  -8.729  1.00 0.00 ? 134 ASP A OD2  1 
ATOM   90  H H    . ASP A 1 8  ? -3.514 0.421  -5.744  1.00 0.00 ? 134 ASP A H    1 
ATOM   91  H HA   . ASP A 1 8  ? -2.980 -0.317 -8.590  1.00 0.00 ? 134 ASP A HA   1 
ATOM   92  H HB2  . ASP A 1 8  ? -1.324 1.950  -7.271  1.00 0.00 ? 134 ASP A HB2  1 
ATOM   93  H HB3  . ASP A 1 8  ? -0.673 0.964  -8.558  1.00 0.00 ? 134 ASP A HB3  1 
ATOM   94  H HD2  . ASP A 1 8  ? -2.983 4.035  -9.412  1.00 0.00 ? 134 ASP A HD2  1 
ATOM   95  N N    . ALA A 1 9  ? -1.191 -1.923 -7.714  1.00 0.00 ? 135 ALA A N    1 
ATOM   96  C CA   . ALA A 1 9  ? -0.228 -2.946 -7.207  1.00 0.00 ? 135 ALA A CA   1 
ATOM   97  C C    . ALA A 1 9  ? 1.187  -2.399 -6.823  1.00 0.00 ? 135 ALA A C    1 
ATOM   98  O O    . ALA A 1 9  ? 1.746  -2.841 -5.815  1.00 0.00 ? 135 ALA A O    1 
ATOM   99  C CB   . ALA A 1 9  ? -0.105 -4.056 -8.268  1.00 0.00 ? 135 ALA A CB   1 
ATOM   100 H H    . ALA A 1 9  ? -1.518 -1.921 -8.686  1.00 0.00 ? 135 ALA A H    1 
ATOM   101 H HA   . ALA A 1 9  ? -0.662 -3.405 -6.297  1.00 0.00 ? 135 ALA A HA   1 
ATOM   102 H HB1  . ALA A 1 9  ? 0.317  -3.683 -9.222  1.00 0.00 ? 135 ALA A HB1  1 
ATOM   103 H HB2  . ALA A 1 9  ? 0.551  -4.877 -7.922  1.00 0.00 ? 135 ALA A HB2  1 
ATOM   104 H HB3  . ALA A 1 9  ? -1.085 -4.515 -8.500  1.00 0.00 ? 135 ALA A HB3  1 
ATOM   105 N N    . LYS A 1 10 ? 1.745  -1.442 -7.596  1.00 0.00 ? 136 LYS A N    1 
ATOM   106 C CA   . LYS A 1 10 ? 3.019  -0.740 -7.254  1.00 0.00 ? 136 LYS A CA   1 
ATOM   107 C C    . LYS A 1 10 ? 2.946  0.303  -6.083  1.00 0.00 ? 136 LYS A C    1 
ATOM   108 O O    . LYS A 1 10 ? 4.004  0.697  -5.583  1.00 0.00 ? 136 LYS A O    1 
ATOM   109 C CB   . LYS A 1 10 ? 3.612  -0.103 -8.550  1.00 0.00 ? 136 LYS A CB   1 
ATOM   110 C CG   . LYS A 1 10 ? 2.750  0.811  -9.463  1.00 0.00 ? 136 LYS A CG   1 
ATOM   111 C CD   . LYS A 1 10 ? 2.323  2.170  -8.873  1.00 0.00 ? 136 LYS A CD   1 
ATOM   112 C CE   . LYS A 1 10 ? 1.594  3.061  -9.895  1.00 0.00 ? 136 LYS A CE   1 
ATOM   113 N NZ   . LYS A 1 10 ? 1.140  4.322  -9.281  1.00 0.00 ? 136 LYS A NZ   1 
ATOM   114 H H    . LYS A 1 10 ? 1.123  -1.077 -8.324  1.00 0.00 ? 136 LYS A H    1 
ATOM   115 H HA   . LYS A 1 10 ? 3.750  -1.502 -6.921  1.00 0.00 ? 136 LYS A HA   1 
ATOM   116 H HB2  . LYS A 1 10 ? 4.547  0.432  -8.297  1.00 0.00 ? 136 LYS A HB2  1 
ATOM   117 H HB3  . LYS A 1 10 ? 3.963  -0.937 -9.188  1.00 0.00 ? 136 LYS A HB3  1 
ATOM   118 H HG2  . LYS A 1 10 ? 3.333  0.997  -10.386 1.00 0.00 ? 136 LYS A HG2  1 
ATOM   119 H HG3  . LYS A 1 10 ? 1.855  0.257  -9.801  1.00 0.00 ? 136 LYS A HG3  1 
ATOM   120 H HD2  . LYS A 1 10 ? 1.654  1.998  -8.012  1.00 0.00 ? 136 LYS A HD2  1 
ATOM   121 H HD3  . LYS A 1 10 ? 3.210  2.699  -8.475  1.00 0.00 ? 136 LYS A HD3  1 
ATOM   122 H HE2  . LYS A 1 10 ? 2.257  3.293  -10.750 1.00 0.00 ? 136 LYS A HE2  1 
ATOM   123 H HE3  . LYS A 1 10 ? 0.718  2.532  -10.314 1.00 0.00 ? 136 LYS A HE3  1 
ATOM   124 H HZ1  . LYS A 1 10 ? 0.628  4.885  -9.969  1.00 0.00 ? 136 LYS A HZ1  1 
ATOM   125 H HZ2  . LYS A 1 10 ? 0.469  4.125  -8.530  1.00 0.00 ? 136 LYS A HZ2  1 
ATOM   126 N N    . PHE A 1 11 ? 1.746  0.733  -5.634  1.00 0.00 ? 137 PHE A N    1 
ATOM   127 C CA   . PHE A 1 11 ? 1.582  1.720  -4.532  1.00 0.00 ? 137 PHE A CA   1 
ATOM   128 C C    . PHE A 1 11 ? 1.908  1.136  -3.121  1.00 0.00 ? 137 PHE A C    1 
ATOM   129 O O    . PHE A 1 11 ? 2.713  1.742  -2.409  1.00 0.00 ? 137 PHE A O    1 
ATOM   130 C CB   . PHE A 1 11 ? 0.141  2.305  -4.632  1.00 0.00 ? 137 PHE A CB   1 
ATOM   131 C CG   . PHE A 1 11 ? -0.194 3.422  -3.625  1.00 0.00 ? 137 PHE A CG   1 
ATOM   132 C CD1  . PHE A 1 11 ? 0.223  4.736  -3.865  1.00 0.00 ? 137 PHE A CD1  1 
ATOM   133 C CD2  . PHE A 1 11 ? -0.903 3.131  -2.452  1.00 0.00 ? 137 PHE A CD2  1 
ATOM   134 C CE1  . PHE A 1 11 ? -0.065 5.743  -2.946  1.00 0.00 ? 137 PHE A CE1  1 
ATOM   135 C CE2  . PHE A 1 11 ? -1.180 4.138  -1.532  1.00 0.00 ? 137 PHE A CE2  1 
ATOM   136 C CZ   . PHE A 1 11 ? -0.765 5.443  -1.781  1.00 0.00 ? 137 PHE A CZ   1 
ATOM   137 H H    . PHE A 1 11 ? 0.945  0.339  -6.142  1.00 0.00 ? 137 PHE A H    1 
ATOM   138 H HA   . PHE A 1 11 ? 2.283  2.558  -4.712  1.00 0.00 ? 137 PHE A HA   1 
ATOM   139 H HB2  . PHE A 1 11 ? -0.032 2.702  -5.649  1.00 0.00 ? 137 PHE A HB2  1 
ATOM   140 H HB3  . PHE A 1 11 ? -0.591 1.484  -4.516  1.00 0.00 ? 137 PHE A HB3  1 
ATOM   141 H HD1  . PHE A 1 11 ? 0.771  4.982  -4.764  1.00 0.00 ? 137 PHE A HD1  1 
ATOM   142 H HD2  . PHE A 1 11 ? -1.236 2.124  -2.245  1.00 0.00 ? 137 PHE A HD2  1 
ATOM   143 H HE1  . PHE A 1 11 ? 0.255  6.757  -3.137  1.00 0.00 ? 137 PHE A HE1  1 
ATOM   144 H HE2  . PHE A 1 11 ? -1.726 3.910  -0.630  1.00 0.00 ? 137 PHE A HE2  1 
ATOM   145 H HZ   . PHE A 1 11 ? -0.990 6.224  -1.069  1.00 0.00 ? 137 PHE A HZ   1 
ATOM   146 N N    . ARG A 1 12 ? 1.285  0.009  -2.717  1.00 0.00 ? 138 ARG A N    1 
ATOM   147 C CA   . ARG A 1 12 ? 1.420  -0.542 -1.344  1.00 0.00 ? 138 ARG A CA   1 
ATOM   148 C C    . ARG A 1 12 ? 2.782  -1.300 -1.160  1.00 0.00 ? 138 ARG A C    1 
ATOM   149 O O    . ARG A 1 12 ? 3.001  -2.275 -1.888  1.00 0.00 ? 138 ARG A O    1 
ATOM   150 C CB   . ARG A 1 12 ? 0.259  -1.509 -0.997  1.00 0.00 ? 138 ARG A CB   1 
ATOM   151 C CG   . ARG A 1 12 ? -1.168 -0.912 -0.969  1.00 0.00 ? 138 ARG A CG   1 
ATOM   152 C CD   . ARG A 1 12 ? -1.919 -0.962 -2.314  1.00 0.00 ? 138 ARG A CD   1 
ATOM   153 N NE   . ARG A 1 12 ? -3.302 -0.460 -2.142  1.00 0.00 ? 138 ARG A NE   1 
ATOM   154 C CZ   . ARG A 1 12 ? -4.358 -0.817 -2.893  1.00 0.00 ? 138 ARG A CZ   1 
ATOM   155 N NH1  . ARG A 1 12 ? -4.290 -1.656 -3.924  1.00 0.00 ? 138 ARG A NH1  1 
ATOM   156 N NH2  . ARG A 1 12 ? -5.534 -0.304 -2.581  1.00 0.00 ? 138 ARG A NH2  1 
ATOM   157 H H    . ARG A 1 12 ? 0.624  -0.378 -3.401  1.00 0.00 ? 138 ARG A H    1 
ATOM   158 H HA   . ARG A 1 12 ? 1.327  0.290  -0.624  1.00 0.00 ? 138 ARG A HA   1 
ATOM   159 H HB2  . ARG A 1 12 ? 0.281  -2.410 -1.640  1.00 0.00 ? 138 ARG A HB2  1 
ATOM   160 H HB3  . ARG A 1 12 ? 0.458  -1.882 0.025   1.00 0.00 ? 138 ARG A HB3  1 
ATOM   161 H HG2  . ARG A 1 12 ? -1.752 -1.475 -0.216  1.00 0.00 ? 138 ARG A HG2  1 
ATOM   162 H HG3  . ARG A 1 12 ? -1.127 0.124  -0.585  1.00 0.00 ? 138 ARG A HG3  1 
ATOM   163 H HD2  . ARG A 1 12 ? -1.408 -0.346 -3.075  1.00 0.00 ? 138 ARG A HD2  1 
ATOM   164 H HD3  . ARG A 1 12 ? -1.915 -2.000 -2.698  1.00 0.00 ? 138 ARG A HD3  1 
ATOM   165 H HH11 . ARG A 1 12 ? -3.365 -2.040 -4.143  1.00 0.00 ? 138 ARG A HH11 1 
ATOM   166 H HH12 . ARG A 1 12 ? -5.169 -1.851 -4.417  1.00 0.00 ? 138 ARG A HH12 1 
ATOM   167 H HH21 . ARG A 1 12 ? -5.557 0.338  -1.781  1.00 0.00 ? 138 ARG A HH21 1 
ATOM   168 H HH22 . ARG A 1 12 ? -6.328 -0.589 -3.163  1.00 0.00 ? 138 ARG A HH22 1 
ATOM   169 N N    . PRO A 1 13 ? 3.697  -0.937 -0.207  1.00 0.00 ? 139 PRO A N    1 
ATOM   170 C CA   . PRO A 1 13 ? 4.974  -1.669 0.015   1.00 0.00 ? 139 PRO A CA   1 
ATOM   171 C C    . PRO A 1 13 ? 4.801  -3.068 0.680   1.00 0.00 ? 139 PRO A C    1 
ATOM   172 O O    . PRO A 1 13 ? 3.835  -3.312 1.414   1.00 0.00 ? 139 PRO A O    1 
ATOM   173 C CB   . PRO A 1 13 ? 5.787  -0.705 0.908   1.00 0.00 ? 139 PRO A CB   1 
ATOM   174 C CG   . PRO A 1 13 ? 5.100  0.656  0.798   1.00 0.00 ? 139 PRO A CG   1 
ATOM   175 C CD   . PRO A 1 13 ? 3.629  0.311  0.575   1.00 0.00 ? 139 PRO A CD   1 
ATOM   176 H HA   . PRO A 1 13 ? 5.495  -1.774 -0.957  1.00 0.00 ? 139 PRO A HA   1 
ATOM   177 H HB2  . PRO A 1 13 ? 5.791  -1.028 1.965   1.00 0.00 ? 139 PRO A HB2  1 
ATOM   178 H HB3  . PRO A 1 13 ? 6.846  -0.652 0.594   1.00 0.00 ? 139 PRO A HB3  1 
ATOM   179 H HG2  . PRO A 1 13 ? 5.256  1.284  1.694   1.00 0.00 ? 139 PRO A HG2  1 
ATOM   180 H HG3  . PRO A 1 13 ? 5.498  1.217  -0.069  1.00 0.00 ? 139 PRO A HG3  1 
ATOM   181 H HD2  . PRO A 1 13 ? 3.101  0.133  1.530   1.00 0.00 ? 139 PRO A HD2  1 
ATOM   182 H HD3  . PRO A 1 13 ? 3.106  1.130  0.056   1.00 0.00 ? 139 PRO A HD3  1 
ATOM   183 N N    . ASN A 1 14 ? 5.775  -3.967 0.441   1.00 0.00 ? 140 ASN A N    1 
ATOM   184 C CA   . ASN A 1 14 ? 5.764  -5.347 1.003   1.00 0.00 ? 140 ASN A CA   1 
ATOM   185 C C    . ASN A 1 14 ? 6.097  -5.305 2.527   1.00 0.00 ? 140 ASN A C    1 
ATOM   186 O O    . ASN A 1 14 ? 7.203  -4.924 2.925   1.00 0.00 ? 140 ASN A O    1 
ATOM   187 C CB   . ASN A 1 14 ? 6.770  -6.212 0.194   1.00 0.00 ? 140 ASN A CB   1 
ATOM   188 C CG   . ASN A 1 14 ? 6.699  -7.726 0.485   1.00 0.00 ? 140 ASN A CG   1 
ATOM   189 O OD1  . ASN A 1 14 ? 5.765  -8.412 0.072   1.00 0.00 ? 140 ASN A OD1  1 
ATOM   190 N ND2  . ASN A 1 14 ? 7.676  -8.274 1.192   1.00 0.00 ? 140 ASN A ND2  1 
ATOM   191 H H    . ASN A 1 14 ? 6.522  -3.643 -0.182  1.00 0.00 ? 140 ASN A H    1 
ATOM   192 H HA   . ASN A 1 14 ? 4.755  -5.776 0.840   1.00 0.00 ? 140 ASN A HA   1 
ATOM   193 H HB2  . ASN A 1 14 ? 6.575  -6.092 -0.889  1.00 0.00 ? 140 ASN A HB2  1 
ATOM   194 H HB3  . ASN A 1 14 ? 7.804  -5.831 0.329   1.00 0.00 ? 140 ASN A HB3  1 
ATOM   195 H HD21 . ASN A 1 14 ? 8.426  -7.647 1.505   1.00 0.00 ? 140 ASN A HD21 1 
ATOM   196 H HD22 . ASN A 1 14 ? 7.604  -9.282 1.370   1.00 0.00 ? 140 ASN A HD22 1 
ATOM   197 N N    . GLY A 1 15 ? 5.108  -5.682 3.356   1.00 0.00 ? 141 GLY A N    1 
ATOM   198 C CA   . GLY A 1 15 ? 5.225  -5.606 4.837   1.00 0.00 ? 141 GLY A CA   1 
ATOM   199 C C    . GLY A 1 15 ? 4.932  -4.230 5.493   1.00 0.00 ? 141 GLY A C    1 
ATOM   200 O O    . GLY A 1 15 ? 5.506  -3.944 6.547   1.00 0.00 ? 141 GLY A O    1 
ATOM   201 H H    . GLY A 1 15 ? 4.239  -5.972 2.893   1.00 0.00 ? 141 GLY A H    1 
ATOM   202 H HA2  . GLY A 1 15 ? 4.516  -6.325 5.280   1.00 0.00 ? 141 GLY A HA2  1 
ATOM   203 H HA3  . GLY A 1 15 ? 6.244  -5.923 5.131   1.00 0.00 ? 141 GLY A HA3  1 
ATOM   204 N N    . CYS A 1 16 ? 4.072  -3.387 4.889   1.00 0.00 ? 142 CYS A N    1 
ATOM   205 C CA   . CYS A 1 16 ? 3.765  -2.026 5.394   1.00 0.00 ? 142 CYS A CA   1 
ATOM   206 C C    . CYS A 1 16 ? 2.722  -2.011 6.548   1.00 0.00 ? 142 CYS A C    1 
ATOM   207 O O    . CYS A 1 16 ? 1.807  -2.840 6.604   1.00 0.00 ? 142 CYS A O    1 
ATOM   208 C CB   . CYS A 1 16 ? 3.255  -1.194 4.202   1.00 0.00 ? 142 CYS A CB   1 
ATOM   209 S SG   . CYS A 1 16 ? 1.689  -1.831 3.568   1.00 0.00 ? 142 CYS A SG   1 
ATOM   210 H H    . CYS A 1 16 ? 3.638  -3.766 4.041   1.00 0.00 ? 142 CYS A H    1 
ATOM   211 H HA   . CYS A 1 16 ? 4.714  -1.561 5.735   1.00 0.00 ? 142 CYS A HA   1 
ATOM   212 H HB2  . CYS A 1 16 ? 3.101  -0.147 4.517   1.00 0.00 ? 142 CYS A HB2  1 
ATOM   213 H HB3  . CYS A 1 16 ? 4.001  -1.163 3.389   1.00 0.00 ? 142 CYS A HB3  1 
ATOM   214 N N    . THR A 1 17 ? 2.867  -1.019 7.448   1.00 0.00 ? 143 THR A N    1 
ATOM   215 C CA   . THR A 1 17 ? 1.944  -0.816 8.598   1.00 0.00 ? 143 THR A CA   1 
ATOM   216 C C    . THR A 1 17 ? 0.812  0.159  8.146   1.00 0.00 ? 143 THR A C    1 
ATOM   217 O O    . THR A 1 17 ? 1.079  1.294  7.733   1.00 0.00 ? 143 THR A O    1 
ATOM   218 C CB   . THR A 1 17 ? 2.745  -0.277 9.825   1.00 0.00 ? 143 THR A CB   1 
ATOM   219 O OG1  . THR A 1 17 ? 3.792  -1.185 10.159  1.00 0.00 ? 143 THR A OG1  1 
ATOM   220 C CG2  . THR A 1 17 ? 1.896  -0.100 11.098  1.00 0.00 ? 143 THR A CG2  1 
ATOM   221 H H    . THR A 1 17 ? 3.655  -0.387 7.269   1.00 0.00 ? 143 THR A H    1 
ATOM   222 H HA   . THR A 1 17 ? 1.510  -1.792 8.901   1.00 0.00 ? 143 THR A HA   1 
ATOM   223 H HB   . THR A 1 17 ? 3.199  0.700  9.566   1.00 0.00 ? 143 THR A HB   1 
ATOM   224 H HG1  . THR A 1 17 ? 4.338  -1.260 9.372   1.00 0.00 ? 143 THR A HG1  1 
ATOM   225 H HG21 . THR A 1 17 ? 2.513  0.253  11.945  1.00 0.00 ? 143 THR A HG21 1 
ATOM   226 H HG22 . THR A 1 17 ? 1.091  0.645  10.957  1.00 0.00 ? 143 THR A HG22 1 
ATOM   227 H HG23 . THR A 1 17 ? 1.420  -1.047 11.410  1.00 0.00 ? 143 THR A HG23 1 
ATOM   228 N N    . ASP A 1 18 ? -0.448 -0.303 8.254   1.00 0.00 ? 144 ASP A N    1 
ATOM   229 C CA   . ASP A 1 18 ? -1.640 0.493  7.865   1.00 0.00 ? 144 ASP A CA   1 
ATOM   230 C C    . ASP A 1 18 ? -2.103 1.324  9.086   1.00 0.00 ? 144 ASP A C    1 
ATOM   231 O O    . ASP A 1 18 ? -2.743 0.862  10.032  1.00 0.00 ? 144 ASP A O    1 
ATOM   232 C CB   . ASP A 1 18 ? -2.723 -0.479 7.320   1.00 0.00 ? 144 ASP A CB   1 
ATOM   233 C CG   . ASP A 1 18 ? -3.931 0.222  6.678   1.00 0.00 ? 144 ASP A CG   1 
ATOM   234 O OD1  . ASP A 1 18 ? -4.835 0.747  7.328   1.00 0.00 ? 144 ASP A OD1  1 
ATOM   235 O OD2  . ASP A 1 18 ? -3.885 0.189  5.308   1.00 0.00 ? 144 ASP A OD2  1 
ATOM   236 O OXT  . ASP A 1 18 ? -1.710 2.635  8.995   1.00 0.00 ? 144 ASP A OXT  1 
ATOM   237 H H    . ASP A 1 18 ? -0.529 -1.259 8.617   1.00 0.00 ? 144 ASP A H    1 
ATOM   238 H HA   . ASP A 1 18 ? -1.370 1.185  7.044   1.00 0.00 ? 144 ASP A HA   1 
ATOM   239 H HB2  . ASP A 1 18 ? -2.271 -1.169 6.579   1.00 0.00 ? 144 ASP A HB2  1 
ATOM   240 H HB3  . ASP A 1 18 ? -3.097 -1.124 8.139   1.00 0.00 ? 144 ASP A HB3  1 
ATOM   241 H HD2  . ASP A 1 18 ? -3.103 -0.265 4.985   1.00 0.00 ? 144 ASP A HD2  1 
ATOM   242 H HXT  . ASP A 1 18 ? -1.218 2.808  8.189   1.00 0.00 ? 144 ASP A HXT  1 
# 
